data_1T24
#
_entry.id   1T24
#
_cell.length_a   80.488
_cell.length_b   85.914
_cell.length_c   90.447
_cell.angle_alpha   90.00
_cell.angle_beta   90.00
_cell.angle_gamma   90.00
#
_symmetry.space_group_name_H-M   'I 2 2 2'
#
loop_
_entity.id
_entity.type
_entity.pdbx_description
1 polymer 'L-lactate dehydrogenase'
2 non-polymer NICOTINAMIDE-ADENINE-DINUCLEOTIDE
3 non-polymer '4-HYDROXY-1,2,5-OXADIAZOLE-3-CARBOXYLIC ACID'
4 non-polymer GLYCEROL
5 water water
#
_entity_poly.entity_id   1
_entity_poly.type   'polypeptide(L)'
_entity_poly.pdbx_seq_one_letter_code
;MAPKAKIVLVGSGMIGGVMATLIVQKNLGDVVLFDIVKNMPHGKALDTSHTNVMAYSNCKVSGSNTYDDLAGADVVIVTA
GFTKAPGKSDKEWNRDDLLPLNNKIMIEIGGHIKKNCPNAFIIVVTNPVDVMVQLLHQHSGVPKNKIIGLGGVLDTSRLK
YYISQKLNVCPRDVNAHIVGAHGNKMVLLKRYITVGGIPLQEFINNKLISDAELEAIFDRTVNTALEIVNLHASPYVAPA
AAIIEMAESYLKDLKKVLICSTLLEGQYGHSDIFGGTPVVLGANGVEQVIELQLNSEEKAKFDEAIAETKRMKALAHHHH
HH
;
_entity_poly.pdbx_strand_id   A
#
loop_
_chem_comp.id
_chem_comp.type
_chem_comp.name
_chem_comp.formula
GOL non-polymer GLYCEROL 'C3 H8 O3'
NAD non-polymer NICOTINAMIDE-ADENINE-DINUCLEOTIDE 'C21 H27 N7 O14 P2'
OXQ non-polymer '4-HYDROXY-1,2,5-OXADIAZOLE-3-CARBOXYLIC ACID' 'C3 H2 N2 O4'
#
# COMPACT_ATOMS: atom_id res chain seq x y z
N ALA A 2 6.19 16.04 -19.81
CA ALA A 2 7.48 16.47 -20.44
C ALA A 2 8.68 15.57 -20.14
N PRO A 3 8.66 14.33 -20.63
CA PRO A 3 7.50 13.74 -21.30
C PRO A 3 6.65 13.15 -20.18
N LYS A 4 5.38 12.87 -20.43
CA LYS A 4 4.52 12.35 -19.40
C LYS A 4 5.12 11.06 -18.84
N ALA A 5 4.93 10.84 -17.54
CA ALA A 5 5.28 9.58 -16.92
C ALA A 5 4.39 8.48 -17.51
N LYS A 6 4.90 7.26 -17.54
CA LYS A 6 4.13 6.10 -17.94
C LYS A 6 3.96 5.25 -16.69
N ILE A 7 2.70 4.95 -16.33
CA ILE A 7 2.39 4.20 -15.12
C ILE A 7 1.72 2.90 -15.52
N VAL A 8 2.35 1.77 -15.22
CA VAL A 8 1.78 0.50 -15.63
C VAL A 8 1.15 -0.17 -14.42
N LEU A 9 -0.15 -0.42 -14.50
CA LEU A 9 -0.90 -1.07 -13.43
C LEU A 9 -0.93 -2.57 -13.75
N VAL A 10 -0.07 -3.34 -13.09
CA VAL A 10 -0.01 -4.78 -13.30
C VAL A 10 -1.08 -5.38 -12.39
N GLY A 11 -2.22 -5.66 -13.00
CA GLY A 11 -3.44 -6.05 -12.32
C GLY A 11 -4.45 -4.94 -12.56
N SER A 12 -5.55 -5.28 -13.22
CA SER A 12 -6.58 -4.31 -13.59
C SER A 12 -7.92 -4.66 -13.00
N GLY A 13 -7.91 -5.13 -11.75
CA GLY A 13 -9.12 -5.50 -11.05
C GLY A 13 -9.72 -4.31 -10.31
N MET A 14 -10.26 -4.54 -9.11
CA MET A 14 -10.95 -3.46 -8.39
C MET A 14 -10.02 -2.31 -8.04
N ILE A 15 -8.85 -2.61 -7.47
CA ILE A 15 -7.91 -1.54 -7.15
C ILE A 15 -7.35 -0.90 -8.42
N GLY A 16 -6.97 -1.72 -9.41
CA GLY A 16 -6.50 -1.17 -10.67
C GLY A 16 -7.44 -0.14 -11.27
N GLY A 17 -8.73 -0.45 -11.27
CA GLY A 17 -9.73 0.44 -11.82
C GLY A 17 -9.80 1.79 -11.12
N VAL A 18 -9.82 1.79 -9.80
CA VAL A 18 -9.89 3.05 -9.07
C VAL A 18 -8.59 3.81 -9.27
N MET A 19 -7.45 3.11 -9.30
CA MET A 19 -6.18 3.80 -9.52
C MET A 19 -6.18 4.50 -10.89
N ALA A 20 -6.64 3.84 -11.94
CA ALA A 20 -6.67 4.50 -13.25
C ALA A 20 -7.56 5.75 -13.22
N THR A 21 -8.70 5.66 -12.52
CA THR A 21 -9.60 6.81 -12.42
C THR A 21 -8.88 7.97 -11.74
N LEU A 22 -8.22 7.69 -10.63
CA LEU A 22 -7.55 8.72 -9.84
C LEU A 22 -6.35 9.31 -10.59
N ILE A 23 -5.65 8.47 -11.34
CA ILE A 23 -4.52 8.99 -12.12
C ILE A 23 -4.99 10.02 -13.16
N VAL A 24 -6.10 9.71 -13.83
CA VAL A 24 -6.64 10.65 -14.78
C VAL A 24 -7.13 11.92 -14.06
N GLN A 25 -7.80 11.77 -12.93
CA GLN A 25 -8.27 12.95 -12.18
C GLN A 25 -7.14 13.90 -11.85
N LYS A 26 -6.00 13.32 -11.49
CA LYS A 26 -4.83 14.08 -11.09
C LYS A 26 -3.86 14.35 -12.23
N ASN A 27 -4.20 13.90 -13.44
CA ASN A 27 -3.34 14.08 -14.62
C ASN A 27 -1.90 13.64 -14.35
N LEU A 28 -1.73 12.49 -13.70
CA LEU A 28 -0.38 12.10 -13.24
C LEU A 28 0.51 11.45 -14.30
N GLY A 29 -0.10 10.84 -15.31
CA GLY A 29 0.67 10.21 -16.37
C GLY A 29 -0.19 9.26 -17.19
N ASP A 30 0.41 8.76 -18.27
CA ASP A 30 -0.25 7.79 -19.10
C ASP A 30 -0.39 6.51 -18.31
N VAL A 31 -1.45 5.75 -18.58
CA VAL A 31 -1.77 4.56 -17.82
C VAL A 31 -1.94 3.35 -18.70
N VAL A 32 -1.32 2.25 -18.28
CA VAL A 32 -1.59 0.96 -18.88
C VAL A 32 -2.26 0.07 -17.85
N LEU A 33 -3.47 -0.39 -18.17
CA LEU A 33 -4.18 -1.37 -17.38
C LEU A 33 -3.84 -2.75 -17.95
N PHE A 34 -2.89 -3.41 -17.31
CA PHE A 34 -2.45 -4.74 -17.72
C PHE A 34 -3.13 -5.82 -16.85
N ASP A 35 -3.57 -6.90 -17.50
CA ASP A 35 -4.14 -8.03 -16.78
C ASP A 35 -3.99 -9.26 -17.65
N ILE A 36 -4.17 -10.43 -17.04
CA ILE A 36 -4.19 -11.67 -17.80
C ILE A 36 -5.56 -11.93 -18.41
N VAL A 37 -6.59 -11.34 -17.81
CA VAL A 37 -7.96 -11.50 -18.32
C VAL A 37 -8.12 -10.77 -19.67
N LYS A 38 -8.69 -11.45 -20.66
CA LYS A 38 -8.93 -10.88 -21.96
C LYS A 38 -10.08 -9.89 -21.92
N ASN A 39 -9.97 -8.86 -22.76
CA ASN A 39 -11.01 -7.86 -23.02
C ASN A 39 -11.28 -6.87 -21.88
N MET A 40 -11.35 -7.38 -20.65
CA MET A 40 -11.70 -6.56 -19.48
C MET A 40 -10.87 -5.28 -19.34
N PRO A 41 -9.54 -5.36 -19.38
CA PRO A 41 -8.71 -4.15 -19.22
C PRO A 41 -8.97 -3.13 -20.33
N HIS A 42 -9.23 -3.61 -21.53
CA HIS A 42 -9.51 -2.70 -22.65
C HIS A 42 -10.81 -1.95 -22.42
N GLY A 43 -11.81 -2.61 -21.85
CA GLY A 43 -13.07 -1.96 -21.56
C GLY A 43 -12.93 -0.92 -20.44
N LYS A 44 -12.25 -1.28 -19.36
CA LYS A 44 -12.02 -0.32 -18.29
C LYS A 44 -11.21 0.87 -18.77
N ALA A 45 -10.18 0.60 -19.58
CA ALA A 45 -9.33 1.65 -20.15
C ALA A 45 -10.16 2.61 -21.00
N LEU A 46 -11.01 2.07 -21.88
CA LEU A 46 -11.84 2.92 -22.75
C LEU A 46 -12.76 3.80 -21.91
N ASP A 47 -13.51 3.17 -21.01
CA ASP A 47 -14.39 3.89 -20.10
C ASP A 47 -13.62 5.03 -19.40
N THR A 48 -12.49 4.69 -18.81
CA THR A 48 -11.73 5.66 -18.03
C THR A 48 -11.17 6.78 -18.88
N SER A 49 -10.78 6.45 -20.11
CA SER A 49 -10.16 7.44 -20.99
C SER A 49 -11.05 8.66 -21.26
N HIS A 50 -12.37 8.47 -21.30
CA HIS A 50 -13.29 9.56 -21.59
C HIS A 50 -13.28 10.62 -20.49
N THR A 51 -12.89 10.22 -19.28
CA THR A 51 -12.86 11.16 -18.16
C THR A 51 -11.80 12.24 -18.31
N ASN A 52 -10.90 12.09 -19.28
CA ASN A 52 -9.98 13.17 -19.55
C ASN A 52 -10.70 14.47 -19.83
N VAL A 53 -11.86 14.38 -20.50
CA VAL A 53 -12.61 15.58 -20.84
C VAL A 53 -13.13 16.30 -19.57
N MET A 54 -13.83 15.54 -18.73
CA MET A 54 -14.41 16.03 -17.48
C MET A 54 -13.33 16.48 -16.50
N ALA A 55 -12.16 15.85 -16.57
CA ALA A 55 -11.07 16.11 -15.62
C ALA A 55 -10.08 17.18 -16.08
N TYR A 56 -10.22 17.67 -17.31
CA TYR A 56 -9.25 18.62 -17.90
C TYR A 56 -7.85 18.01 -17.95
N SER A 57 -7.77 16.72 -18.25
CA SER A 57 -6.51 16.01 -18.24
C SER A 57 -6.12 15.55 -19.63
N ASN A 58 -4.93 14.98 -19.74
CA ASN A 58 -4.43 14.51 -21.02
C ASN A 58 -3.59 13.26 -20.79
N CYS A 59 -4.20 12.20 -20.26
CA CYS A 59 -3.52 10.93 -19.98
C CYS A 59 -4.09 9.82 -20.86
N LYS A 60 -3.24 9.16 -21.61
CA LYS A 60 -3.69 7.98 -22.34
C LYS A 60 -4.02 6.90 -21.34
N VAL A 61 -5.06 6.12 -21.62
CA VAL A 61 -5.41 4.95 -20.82
C VAL A 61 -5.61 3.80 -21.80
N SER A 62 -4.75 2.80 -21.71
CA SER A 62 -4.83 1.66 -22.61
C SER A 62 -4.87 0.37 -21.81
N GLY A 63 -5.53 -0.61 -22.37
CA GLY A 63 -5.57 -1.95 -21.79
C GLY A 63 -4.49 -2.80 -22.43
N SER A 64 -4.07 -3.82 -21.71
CA SER A 64 -3.03 -4.72 -22.19
C SER A 64 -3.09 -6.13 -21.60
N ASN A 65 -2.73 -7.10 -22.44
CA ASN A 65 -2.50 -8.49 -22.02
C ASN A 65 -1.05 -8.87 -22.33
N THR A 66 -0.21 -7.88 -22.64
CA THR A 66 1.16 -8.13 -23.08
C THR A 66 2.19 -7.59 -22.11
N TYR A 67 2.94 -8.49 -21.50
CA TYR A 67 3.93 -8.10 -20.51
C TYR A 67 4.95 -7.07 -21.00
N ASP A 68 5.32 -7.12 -22.27
CA ASP A 68 6.32 -6.19 -22.81
C ASP A 68 5.85 -4.73 -22.74
N ASP A 69 4.56 -4.49 -22.47
CA ASP A 69 4.10 -3.11 -22.30
C ASP A 69 4.72 -2.46 -21.04
N LEU A 70 5.42 -3.26 -20.24
CA LEU A 70 6.16 -2.75 -19.11
C LEU A 70 7.33 -1.89 -19.58
N ALA A 71 7.82 -2.11 -20.80
CA ALA A 71 8.94 -1.33 -21.30
C ALA A 71 8.56 0.14 -21.25
N GLY A 72 9.46 0.97 -20.76
CA GLY A 72 9.19 2.40 -20.69
C GLY A 72 8.47 2.83 -19.43
N ALA A 73 8.07 1.89 -18.57
CA ALA A 73 7.37 2.22 -17.35
C ALA A 73 8.22 3.07 -16.44
N ASP A 74 7.60 4.12 -15.86
CA ASP A 74 8.27 4.94 -14.86
C ASP A 74 7.91 4.45 -13.46
N VAL A 75 6.67 4.01 -13.34
CA VAL A 75 6.11 3.48 -12.09
C VAL A 75 5.34 2.23 -12.46
N VAL A 76 5.54 1.17 -11.68
CA VAL A 76 4.82 -0.08 -11.84
C VAL A 76 4.10 -0.38 -10.54
N ILE A 77 2.79 -0.56 -10.59
CA ILE A 77 2.02 -0.86 -9.38
C ILE A 77 1.46 -2.24 -9.52
N VAL A 78 1.84 -3.13 -8.60
CA VAL A 78 1.45 -4.52 -8.70
C VAL A 78 0.33 -4.89 -7.73
N THR A 79 -0.87 -5.15 -8.29
CA THR A 79 -2.04 -5.61 -7.55
C THR A 79 -2.46 -6.99 -8.00
N ALA A 80 -1.77 -7.53 -9.01
CA ALA A 80 -2.10 -8.83 -9.57
C ALA A 80 -2.19 -9.89 -8.49
N GLY A 81 -3.24 -10.70 -8.57
CA GLY A 81 -3.38 -11.78 -7.62
C GLY A 81 -4.80 -11.98 -7.11
N PHE A 82 -4.90 -12.89 -6.15
CA PHE A 82 -6.18 -13.24 -5.58
C PHE A 82 -6.48 -12.47 -4.30
N THR A 83 -7.78 -12.27 -4.05
CA THR A 83 -8.25 -11.56 -2.87
C THR A 83 -8.77 -12.47 -1.75
N LYS A 84 -9.10 -13.70 -2.10
CA LYS A 84 -9.58 -14.68 -1.13
C LYS A 84 -9.11 -16.04 -1.59
N ALA A 85 -9.04 -16.97 -0.64
CA ALA A 85 -8.66 -18.34 -0.94
C ALA A 85 -9.93 -19.16 -1.18
N PRO A 86 -9.89 -20.03 -2.16
CA PRO A 86 -11.04 -20.89 -2.46
C PRO A 86 -11.42 -21.71 -1.24
N GLY A 87 -12.71 -21.84 -0.94
CA GLY A 87 -13.14 -22.66 0.19
C GLY A 87 -13.27 -21.91 1.50
N LYS A 88 -12.68 -20.73 1.60
CA LYS A 88 -12.80 -19.96 2.84
C LYS A 88 -14.06 -19.13 2.82
N SER A 89 -14.72 -19.04 3.96
CA SER A 89 -15.89 -18.18 4.10
C SER A 89 -15.39 -16.75 4.29
N ASP A 90 -16.25 -15.77 4.07
CA ASP A 90 -15.90 -14.38 4.31
C ASP A 90 -15.49 -14.21 5.75
N LYS A 91 -16.15 -14.95 6.64
CA LYS A 91 -15.84 -14.84 8.06
C LYS A 91 -14.42 -15.27 8.39
N GLU A 92 -13.88 -16.18 7.59
CA GLU A 92 -12.53 -16.70 7.81
C GLU A 92 -11.47 -16.03 6.95
N TRP A 93 -11.83 -14.94 6.30
CA TRP A 93 -10.88 -14.23 5.45
C TRP A 93 -9.61 -13.88 6.23
N ASN A 94 -8.47 -14.23 5.66
CA ASN A 94 -7.20 -13.93 6.26
C ASN A 94 -6.16 -13.78 5.16
N ARG A 95 -5.45 -12.66 5.18
CA ARG A 95 -4.44 -12.39 4.17
C ARG A 95 -3.40 -13.51 4.03
N ASP A 96 -3.07 -14.18 5.11
CA ASP A 96 -2.06 -15.24 5.06
C ASP A 96 -2.40 -16.33 4.05
N ASP A 97 -3.68 -16.59 3.86
CA ASP A 97 -4.14 -17.68 3.00
C ASP A 97 -3.93 -17.37 1.52
N LEU A 98 -3.59 -16.12 1.21
CA LEU A 98 -3.30 -15.74 -0.17
C LEU A 98 -1.87 -16.10 -0.59
N LEU A 99 -1.04 -16.48 0.39
CA LEU A 99 0.37 -16.75 0.12
C LEU A 99 0.62 -17.74 -1.02
N PRO A 100 0.06 -18.94 -0.95
CA PRO A 100 0.31 -19.96 -1.99
C PRO A 100 -0.31 -19.63 -3.35
N LEU A 101 -1.26 -18.71 -3.34
CA LEU A 101 -1.96 -18.32 -4.54
C LEU A 101 -1.20 -17.22 -5.28
N ASN A 102 -0.53 -16.36 -4.54
CA ASN A 102 0.08 -15.17 -5.14
C ASN A 102 1.62 -15.22 -5.33
N ASN A 103 2.28 -16.13 -4.63
CA ASN A 103 3.74 -16.18 -4.70
C ASN A 103 4.28 -16.35 -6.13
N LYS A 104 3.73 -17.32 -6.89
CA LYS A 104 4.19 -17.55 -8.26
C LYS A 104 3.96 -16.35 -9.18
N ILE A 105 2.85 -15.64 -8.93
CA ILE A 105 2.50 -14.46 -9.70
C ILE A 105 3.56 -13.36 -9.52
N MET A 106 4.04 -13.17 -8.29
CA MET A 106 5.07 -12.18 -8.03
C MET A 106 6.39 -12.54 -8.73
N ILE A 107 6.73 -13.83 -8.70
CA ILE A 107 7.98 -14.27 -9.33
C ILE A 107 7.91 -13.98 -10.83
N GLU A 108 6.80 -14.35 -11.45
CA GLU A 108 6.60 -14.12 -12.88
C GLU A 108 6.68 -12.64 -13.22
N ILE A 109 5.99 -11.80 -12.46
CA ILE A 109 6.01 -10.36 -12.74
C ILE A 109 7.41 -9.79 -12.55
N GLY A 110 8.12 -10.26 -11.52
CA GLY A 110 9.49 -9.81 -11.28
C GLY A 110 10.42 -9.99 -12.48
N GLY A 111 10.37 -11.16 -13.10
CA GLY A 111 11.17 -11.40 -14.27
C GLY A 111 10.88 -10.42 -15.41
N HIS A 112 9.60 -10.10 -15.62
CA HIS A 112 9.19 -9.17 -16.65
C HIS A 112 9.64 -7.74 -16.33
N ILE A 113 9.60 -7.37 -15.05
CA ILE A 113 10.08 -6.06 -14.64
C ILE A 113 11.60 -5.97 -14.89
N LYS A 114 12.33 -7.03 -14.53
CA LYS A 114 13.77 -7.03 -14.67
C LYS A 114 14.19 -6.85 -16.12
N LYS A 115 13.48 -7.52 -17.01
CA LYS A 115 13.79 -7.44 -18.43
C LYS A 115 13.38 -6.11 -19.06
N ASN A 116 12.18 -5.64 -18.74
CA ASN A 116 11.58 -4.49 -19.42
C ASN A 116 11.76 -3.10 -18.80
N CYS A 117 11.77 -2.99 -17.47
CA CYS A 117 11.85 -1.68 -16.83
C CYS A 117 12.60 -1.74 -15.48
N PRO A 118 13.87 -2.12 -15.54
CA PRO A 118 14.67 -2.27 -14.33
C PRO A 118 14.87 -0.96 -13.58
N ASN A 119 14.61 0.17 -14.24
CA ASN A 119 14.77 1.48 -13.62
C ASN A 119 13.46 2.09 -13.10
N ALA A 120 12.37 1.31 -13.16
CA ALA A 120 11.06 1.79 -12.72
C ALA A 120 10.97 1.76 -11.21
N PHE A 121 10.09 2.60 -10.66
CA PHE A 121 9.80 2.60 -9.24
C PHE A 121 8.63 1.64 -9.09
N ILE A 122 8.74 0.72 -8.14
CA ILE A 122 7.77 -0.34 -7.97
C ILE A 122 7.02 -0.25 -6.65
N ILE A 123 5.68 -0.35 -6.74
CA ILE A 123 4.83 -0.39 -5.58
C ILE A 123 4.08 -1.72 -5.59
N VAL A 124 4.27 -2.52 -4.56
CA VAL A 124 3.63 -3.83 -4.44
C VAL A 124 2.45 -3.76 -3.50
N VAL A 125 1.33 -4.34 -3.92
CA VAL A 125 0.09 -4.30 -3.17
C VAL A 125 -0.41 -5.70 -2.82
N THR A 126 -0.27 -6.61 -3.78
CA THR A 126 -0.64 -8.01 -3.59
C THR A 126 -0.27 -8.60 -2.24
N ASN A 127 -1.20 -9.31 -1.63
CA ASN A 127 -1.01 -9.87 -0.29
C ASN A 127 -0.50 -11.31 -0.30
N PRO A 128 0.14 -11.74 0.78
CA PRO A 128 0.45 -10.92 1.96
C PRO A 128 1.60 -9.97 1.64
N VAL A 129 1.32 -8.68 1.73
CA VAL A 129 2.16 -7.69 1.09
C VAL A 129 3.61 -7.61 1.54
N ASP A 130 3.86 -7.79 2.83
CA ASP A 130 5.24 -7.66 3.31
C ASP A 130 6.12 -8.82 2.85
N VAL A 131 5.48 -9.94 2.55
CA VAL A 131 6.17 -11.09 1.99
C VAL A 131 6.32 -10.87 0.49
N MET A 132 5.23 -10.48 -0.18
CA MET A 132 5.24 -10.32 -1.63
C MET A 132 6.19 -9.25 -2.11
N VAL A 133 6.33 -8.17 -1.35
CA VAL A 133 7.18 -7.08 -1.76
C VAL A 133 8.63 -7.53 -1.80
N GLN A 134 9.06 -8.33 -0.82
CA GLN A 134 10.44 -8.79 -0.80
C GLN A 134 10.66 -9.81 -1.93
N LEU A 135 9.65 -10.62 -2.17
CA LEU A 135 9.72 -11.62 -3.23
C LEU A 135 9.95 -10.89 -4.55
N LEU A 136 9.16 -9.83 -4.77
CA LEU A 136 9.26 -9.06 -6.01
C LEU A 136 10.62 -8.35 -6.08
N HIS A 137 11.14 -7.89 -4.93
CA HIS A 137 12.45 -7.25 -4.91
C HIS A 137 13.50 -8.26 -5.39
N GLN A 138 13.45 -9.45 -4.84
CA GLN A 138 14.44 -10.46 -5.18
C GLN A 138 14.42 -10.80 -6.67
N HIS A 139 13.23 -10.96 -7.23
CA HIS A 139 13.10 -11.39 -8.61
C HIS A 139 13.19 -10.28 -9.66
N SER A 140 12.92 -9.02 -9.28
CA SER A 140 13.01 -7.92 -10.23
C SER A 140 14.41 -7.34 -10.29
N GLY A 141 15.19 -7.57 -9.23
CA GLY A 141 16.55 -7.03 -9.16
C GLY A 141 16.68 -5.55 -8.97
N VAL A 142 15.57 -4.85 -8.70
CA VAL A 142 15.65 -3.39 -8.57
C VAL A 142 16.33 -3.00 -7.27
N PRO A 143 16.89 -1.81 -7.22
CA PRO A 143 17.51 -1.32 -5.99
C PRO A 143 16.51 -1.19 -4.84
N LYS A 144 17.01 -1.31 -3.62
CA LYS A 144 16.20 -1.25 -2.40
C LYS A 144 15.44 0.06 -2.26
N ASN A 145 15.98 1.13 -2.84
CA ASN A 145 15.30 2.43 -2.77
C ASN A 145 14.25 2.57 -3.84
N LYS A 146 14.05 1.54 -4.68
CA LYS A 146 13.09 1.62 -5.77
C LYS A 146 11.87 0.70 -5.68
N ILE A 147 11.62 0.12 -4.52
CA ILE A 147 10.46 -0.76 -4.35
C ILE A 147 9.93 -0.66 -2.92
N ILE A 148 8.62 -0.47 -2.82
CA ILE A 148 7.96 -0.40 -1.52
C ILE A 148 6.66 -1.20 -1.59
N GLY A 149 6.10 -1.50 -0.42
CA GLY A 149 4.81 -2.18 -0.33
C GLY A 149 3.79 -1.28 0.34
N LEU A 150 2.54 -1.41 -0.09
CA LEU A 150 1.45 -0.68 0.51
C LEU A 150 1.08 -1.30 1.85
N GLY A 151 0.91 -0.47 2.85
CA GLY A 151 0.40 -0.90 4.14
C GLY A 151 0.00 0.28 5.02
N GLY A 152 1.01 0.91 5.59
CA GLY A 152 0.80 1.98 6.59
C GLY A 152 -0.06 3.16 6.20
N VAL A 153 0.07 3.64 4.97
CA VAL A 153 -0.75 4.76 4.53
C VAL A 153 -2.22 4.38 4.63
N LEU A 154 -2.54 3.16 4.22
CA LEU A 154 -3.90 2.65 4.26
C LEU A 154 -4.34 2.35 5.68
N ASP A 155 -3.53 1.65 6.46
CA ASP A 155 -3.93 1.35 7.85
C ASP A 155 -4.12 2.63 8.68
N THR A 156 -3.22 3.59 8.57
CA THR A 156 -3.34 4.83 9.34
C THR A 156 -4.47 5.69 8.82
N SER A 157 -4.81 5.61 7.54
CA SER A 157 -5.93 6.41 7.02
C SER A 157 -7.19 6.09 7.87
N ARG A 158 -7.33 4.81 8.20
CA ARG A 158 -8.46 4.35 8.98
C ARG A 158 -8.40 4.85 10.41
N LEU A 159 -7.27 4.62 11.07
CA LEU A 159 -7.07 5.12 12.43
C LEU A 159 -7.27 6.66 12.51
N LYS A 160 -6.62 7.39 11.62
CA LYS A 160 -6.75 8.83 11.56
C LYS A 160 -8.21 9.23 11.36
N TYR A 161 -8.89 8.59 10.42
CA TYR A 161 -10.28 8.94 10.13
C TYR A 161 -11.20 8.71 11.33
N TYR A 162 -11.14 7.51 11.89
CA TYR A 162 -11.98 7.16 13.05
C TYR A 162 -11.78 8.14 14.20
N ILE A 163 -10.54 8.55 14.47
CA ILE A 163 -10.31 9.51 15.53
C ILE A 163 -10.89 10.87 15.16
N SER A 164 -10.71 11.28 13.91
CA SER A 164 -11.22 12.58 13.47
C SER A 164 -12.74 12.66 13.59
N GLN A 165 -13.42 11.53 13.40
CA GLN A 165 -14.87 11.50 13.52
C GLN A 165 -15.30 11.77 14.96
N LYS A 166 -14.57 11.24 15.94
CA LYS A 166 -14.92 11.47 17.35
C LYS A 166 -14.62 12.89 17.76
N LEU A 167 -13.48 13.41 17.30
CA LEU A 167 -12.98 14.72 17.73
C LEU A 167 -13.50 15.89 16.90
N ASN A 168 -14.20 15.58 15.82
CA ASN A 168 -14.77 16.60 14.95
C ASN A 168 -13.71 17.55 14.41
N VAL A 169 -12.63 16.98 13.91
CA VAL A 169 -11.59 17.76 13.24
C VAL A 169 -11.32 17.20 11.82
N CYS A 170 -10.61 17.99 11.03
CA CYS A 170 -10.21 17.62 9.68
C CYS A 170 -9.45 16.29 9.76
N PRO A 171 -9.85 15.26 9.03
CA PRO A 171 -9.17 13.97 9.13
C PRO A 171 -7.64 14.04 8.93
N ARG A 172 -7.17 14.86 7.98
CA ARG A 172 -5.74 15.02 7.73
C ARG A 172 -4.99 15.61 8.93
N ASP A 173 -5.72 16.30 9.81
CA ASP A 173 -5.09 16.85 11.00
C ASP A 173 -4.80 15.79 12.05
N VAL A 174 -5.30 14.57 11.88
CA VAL A 174 -4.89 13.50 12.79
C VAL A 174 -3.69 12.79 12.18
N ASN A 175 -2.64 12.59 12.96
CA ASN A 175 -1.46 11.87 12.47
C ASN A 175 -1.25 10.66 13.35
N ALA A 176 -0.80 9.56 12.76
CA ALA A 176 -0.71 8.30 13.49
C ALA A 176 0.22 7.36 12.76
N HIS A 177 0.81 6.44 13.50
CA HIS A 177 1.76 5.45 12.96
C HIS A 177 1.34 4.03 13.25
N ILE A 178 1.32 3.22 12.19
CA ILE A 178 1.06 1.78 12.28
C ILE A 178 2.20 1.15 11.48
N VAL A 179 2.93 0.25 12.13
CA VAL A 179 4.19 -0.25 11.63
C VAL A 179 4.33 -1.77 11.74
N GLY A 180 5.44 -2.28 11.23
CA GLY A 180 5.72 -3.70 11.34
C GLY A 180 5.29 -4.50 10.13
N ALA A 181 4.00 -4.81 10.06
CA ALA A 181 3.44 -5.56 8.95
C ALA A 181 2.00 -5.17 8.74
N HIS A 182 1.53 -5.34 7.51
CA HIS A 182 0.15 -5.08 7.14
C HIS A 182 -0.59 -6.41 7.26
N GLY A 183 -1.18 -6.63 8.44
CA GLY A 183 -1.92 -7.84 8.75
C GLY A 183 -2.41 -7.73 10.18
N ASN A 184 -2.96 -8.83 10.70
CA ASN A 184 -3.55 -8.83 12.04
C ASN A 184 -2.60 -8.44 13.19
N LYS A 185 -1.30 -8.52 12.96
CA LYS A 185 -0.34 -8.10 13.98
C LYS A 185 0.22 -6.68 13.74
N MET A 186 -0.45 -5.90 12.90
CA MET A 186 -0.02 -4.53 12.67
C MET A 186 0.10 -3.84 14.05
N VAL A 187 1.13 -3.01 14.17
CA VAL A 187 1.42 -2.35 15.43
C VAL A 187 0.88 -0.94 15.44
N LEU A 188 -0.13 -0.72 16.27
CA LEU A 188 -0.76 0.59 16.40
C LEU A 188 -0.10 1.32 17.56
N LEU A 189 0.70 2.34 17.24
CA LEU A 189 1.51 3.06 18.23
C LEU A 189 0.77 4.24 18.87
N LYS A 190 0.11 3.93 19.98
CA LYS A 190 -0.66 4.91 20.71
C LYS A 190 0.13 6.21 20.99
N ARG A 191 1.38 6.05 21.36
CA ARG A 191 2.25 7.16 21.71
C ARG A 191 2.53 8.13 20.56
N TYR A 192 2.39 7.66 19.34
CA TYR A 192 2.68 8.45 18.15
C TYR A 192 1.42 8.98 17.47
N ILE A 193 0.34 9.18 18.23
CA ILE A 193 -0.85 9.79 17.66
C ILE A 193 -0.89 11.26 18.07
N THR A 194 -1.18 12.13 17.10
CA THR A 194 -1.33 13.56 17.37
C THR A 194 -2.57 14.09 16.67
N VAL A 195 -3.06 15.22 17.14
CA VAL A 195 -4.23 15.86 16.57
C VAL A 195 -3.81 17.31 16.42
N GLY A 196 -3.73 17.77 15.18
CA GLY A 196 -3.24 19.13 14.95
C GLY A 196 -1.85 19.30 15.54
N GLY A 197 -1.08 18.23 15.53
CA GLY A 197 0.30 18.27 16.01
C GLY A 197 0.46 18.15 17.51
N ILE A 198 -0.67 18.02 18.19
CA ILE A 198 -0.74 17.94 19.65
C ILE A 198 -0.84 16.47 20.06
N PRO A 199 -0.16 16.08 21.14
CA PRO A 199 -0.27 14.68 21.56
C PRO A 199 -1.71 14.32 21.86
N LEU A 200 -2.13 13.17 21.37
CA LEU A 200 -3.49 12.70 21.62
C LEU A 200 -3.75 12.64 23.12
N GLN A 201 -2.72 12.37 23.92
CA GLN A 201 -2.90 12.29 25.38
C GLN A 201 -3.53 13.56 25.95
N GLU A 202 -3.30 14.72 25.32
CA GLU A 202 -3.91 15.96 25.82
C GLU A 202 -5.42 15.87 25.70
N PHE A 203 -5.90 15.32 24.58
CA PHE A 203 -7.33 15.18 24.35
C PHE A 203 -7.91 14.10 25.29
N ILE A 204 -7.11 13.09 25.61
CA ILE A 204 -7.55 12.06 26.55
C ILE A 204 -7.67 12.68 27.96
N ASN A 205 -6.66 13.46 28.36
CA ASN A 205 -6.68 14.16 29.65
C ASN A 205 -7.93 15.04 29.80
N ASN A 206 -8.32 15.69 28.71
CA ASN A 206 -9.49 16.58 28.68
C ASN A 206 -10.82 15.85 28.49
N LYS A 207 -10.79 14.52 28.50
CA LYS A 207 -12.00 13.71 28.33
C LYS A 207 -12.77 13.96 27.02
N LEU A 208 -12.04 14.33 25.96
CA LEU A 208 -12.60 14.51 24.61
C LEU A 208 -12.67 13.17 23.87
N ILE A 209 -11.77 12.26 24.24
CA ILE A 209 -11.76 10.89 23.75
C ILE A 209 -11.09 10.07 24.85
N SER A 210 -11.65 8.91 25.18
CA SER A 210 -11.09 8.12 26.29
C SER A 210 -10.16 7.03 25.82
N ASP A 211 -9.38 6.49 26.75
CA ASP A 211 -8.53 5.35 26.46
C ASP A 211 -9.35 4.17 25.92
N ALA A 212 -10.54 3.95 26.49
CA ALA A 212 -11.39 2.83 26.08
C ALA A 212 -11.88 3.05 24.67
N GLU A 213 -12.27 4.28 24.36
CA GLU A 213 -12.70 4.63 23.01
C GLU A 213 -11.56 4.35 22.03
N LEU A 214 -10.35 4.70 22.42
CA LEU A 214 -9.19 4.52 21.53
C LEU A 214 -8.95 3.03 21.28
N GLU A 215 -9.06 2.24 22.34
CA GLU A 215 -8.90 0.80 22.22
C GLU A 215 -9.89 0.22 21.21
N ALA A 216 -11.14 0.68 21.25
CA ALA A 216 -12.16 0.20 20.33
C ALA A 216 -11.81 0.62 18.90
N ILE A 217 -11.29 1.84 18.77
CA ILE A 217 -10.87 2.35 17.45
C ILE A 217 -9.67 1.52 16.92
N PHE A 218 -8.76 1.13 17.81
CA PHE A 218 -7.64 0.28 17.40
C PHE A 218 -8.16 -1.05 16.84
N ASP A 219 -9.06 -1.68 17.59
CA ASP A 219 -9.62 -2.96 17.16
C ASP A 219 -10.36 -2.80 15.83
N ARG A 220 -11.09 -1.70 15.69
CA ARG A 220 -11.83 -1.44 14.47
C ARG A 220 -10.88 -1.29 13.30
N THR A 221 -9.77 -0.60 13.53
CA THR A 221 -8.75 -0.39 12.50
C THR A 221 -8.16 -1.71 12.02
N VAL A 222 -7.74 -2.53 12.97
CA VAL A 222 -7.12 -3.80 12.61
C VAL A 222 -8.13 -4.64 11.79
N ASN A 223 -9.37 -4.61 12.21
CA ASN A 223 -10.39 -5.45 11.59
C ASN A 223 -11.13 -4.81 10.44
N THR A 224 -10.70 -3.65 9.99
CA THR A 224 -11.45 -2.95 8.95
C THR A 224 -11.59 -3.73 7.64
N ALA A 225 -10.50 -4.29 7.13
CA ALA A 225 -10.54 -5.09 5.89
C ALA A 225 -11.56 -6.21 6.04
N LEU A 226 -11.47 -6.94 7.13
CA LEU A 226 -12.38 -8.05 7.38
C LEU A 226 -13.84 -7.58 7.42
N GLU A 227 -14.08 -6.46 8.09
CA GLU A 227 -15.41 -5.86 8.18
C GLU A 227 -15.95 -5.56 6.78
N ILE A 228 -15.16 -4.90 5.96
CA ILE A 228 -15.59 -4.56 4.61
C ILE A 228 -15.76 -5.81 3.73
N VAL A 229 -14.91 -6.81 3.91
CA VAL A 229 -15.03 -8.05 3.17
C VAL A 229 -16.38 -8.70 3.47
N ASN A 230 -16.80 -8.65 4.72
CA ASN A 230 -18.06 -9.29 5.09
C ASN A 230 -19.30 -8.50 4.67
N LEU A 231 -19.15 -7.18 4.55
CA LEU A 231 -20.26 -6.34 4.12
C LEU A 231 -20.38 -6.27 2.60
N HIS A 232 -19.27 -6.43 1.88
CA HIS A 232 -19.23 -6.12 0.45
C HIS A 232 -18.16 -6.88 -0.33
N ALA A 233 -16.90 -6.51 -0.14
CA ALA A 233 -15.80 -7.07 -0.92
C ALA A 233 -14.47 -6.67 -0.33
N SER A 234 -13.40 -7.33 -0.77
CA SER A 234 -12.06 -6.89 -0.41
C SER A 234 -11.94 -5.42 -0.79
N PRO A 235 -11.59 -4.55 0.18
CA PRO A 235 -11.52 -3.10 -0.05
C PRO A 235 -10.68 -2.70 -1.22
N TYR A 236 -11.11 -1.66 -1.92
CA TYR A 236 -10.37 -1.19 -3.08
C TYR A 236 -10.28 0.31 -3.26
N VAL A 237 -11.25 1.08 -2.75
CA VAL A 237 -11.23 2.51 -2.95
C VAL A 237 -10.11 3.17 -2.14
N ALA A 238 -10.07 2.91 -0.83
CA ALA A 238 -9.01 3.49 0.00
C ALA A 238 -7.62 2.93 -0.35
N PRO A 239 -7.48 1.63 -0.57
CA PRO A 239 -6.21 1.11 -1.05
C PRO A 239 -5.70 1.89 -2.27
N ALA A 240 -6.57 2.03 -3.27
CA ALA A 240 -6.23 2.80 -4.48
C ALA A 240 -5.75 4.21 -4.15
N ALA A 241 -6.50 4.93 -3.32
CA ALA A 241 -6.13 6.30 -2.95
C ALA A 241 -4.79 6.33 -2.24
N ALA A 242 -4.56 5.38 -1.34
CA ALA A 242 -3.30 5.30 -0.61
C ALA A 242 -2.13 5.08 -1.57
N ILE A 243 -2.29 4.13 -2.49
CA ILE A 243 -1.26 3.86 -3.49
C ILE A 243 -0.94 5.09 -4.33
N ILE A 244 -1.98 5.78 -4.81
CA ILE A 244 -1.76 6.94 -5.65
C ILE A 244 -1.09 8.08 -4.85
N GLU A 245 -1.38 8.19 -3.55
CA GLU A 245 -0.68 9.18 -2.74
C GLU A 245 0.84 8.88 -2.74
N MET A 246 1.17 7.59 -2.64
CA MET A 246 2.57 7.14 -2.66
C MET A 246 3.20 7.41 -4.02
N ALA A 247 2.51 6.99 -5.08
CA ALA A 247 3.04 7.15 -6.43
C ALA A 247 3.23 8.63 -6.76
N GLU A 248 2.26 9.44 -6.38
CA GLU A 248 2.34 10.88 -6.63
C GLU A 248 3.53 11.52 -5.92
N SER A 249 3.82 11.08 -4.70
CA SER A 249 4.96 11.67 -3.98
C SER A 249 6.25 11.42 -4.72
N TYR A 250 6.40 10.22 -5.27
CA TYR A 250 7.54 9.89 -6.10
C TYR A 250 7.56 10.75 -7.38
N LEU A 251 6.45 10.73 -8.12
CA LEU A 251 6.40 11.39 -9.42
C LEU A 251 6.65 12.88 -9.38
N LYS A 252 6.14 13.53 -8.34
CA LYS A 252 6.23 14.98 -8.21
C LYS A 252 7.29 15.43 -7.21
N ASP A 253 8.09 14.48 -6.71
CA ASP A 253 9.15 14.79 -5.76
C ASP A 253 8.61 15.57 -4.57
N LEU A 254 7.52 15.10 -3.98
CA LEU A 254 6.91 15.76 -2.85
C LEU A 254 7.65 15.54 -1.53
N LYS A 255 8.42 14.47 -1.42
CA LYS A 255 9.15 14.15 -0.18
C LYS A 255 8.24 13.96 1.04
N LYS A 256 7.06 13.43 0.81
CA LYS A 256 6.14 13.12 1.89
C LYS A 256 6.67 11.97 2.73
N VAL A 257 6.38 12.04 4.03
CA VAL A 257 6.67 10.98 4.95
C VAL A 257 5.43 10.07 4.93
N LEU A 258 5.61 8.83 4.52
CA LEU A 258 4.52 7.89 4.35
C LEU A 258 4.98 6.53 4.83
N ILE A 259 4.14 5.82 5.57
CA ILE A 259 4.53 4.52 6.10
C ILE A 259 4.30 3.44 5.06
N CYS A 260 5.37 2.74 4.70
CA CYS A 260 5.37 1.76 3.64
C CYS A 260 6.27 0.63 4.05
N SER A 261 6.11 -0.50 3.37
CA SER A 261 6.95 -1.66 3.59
C SER A 261 8.24 -1.49 2.80
N THR A 262 9.35 -1.59 3.50
CA THR A 262 10.65 -1.33 2.89
C THR A 262 11.71 -2.23 3.47
N LEU A 263 12.81 -2.39 2.75
CA LEU A 263 13.88 -3.25 3.22
C LEU A 263 14.54 -2.68 4.47
N LEU A 264 14.54 -3.47 5.54
CA LEU A 264 15.20 -3.10 6.78
C LEU A 264 16.63 -3.59 6.74
N GLU A 265 17.55 -2.77 7.24
CA GLU A 265 18.98 -3.09 7.27
C GLU A 265 19.55 -2.80 8.65
N GLY A 266 18.80 -3.12 9.68
CA GLY A 266 19.25 -2.86 11.04
C GLY A 266 18.28 -2.06 11.88
N GLN A 267 17.37 -1.33 11.21
CA GLN A 267 16.33 -0.58 11.94
C GLN A 267 15.49 -1.52 12.80
N TYR A 268 15.21 -1.11 14.03
CA TYR A 268 14.41 -1.91 14.96
C TYR A 268 15.06 -3.24 15.31
N GLY A 269 16.34 -3.38 14.99
CA GLY A 269 17.05 -4.64 15.22
C GLY A 269 16.84 -5.69 14.14
N HIS A 270 16.21 -5.33 13.04
CA HIS A 270 15.88 -6.26 11.95
C HIS A 270 16.59 -5.97 10.62
N SER A 271 17.06 -7.04 9.98
CA SER A 271 17.67 -6.95 8.66
C SER A 271 17.14 -8.08 7.78
N ASP A 272 17.36 -7.97 6.47
CA ASP A 272 17.05 -9.05 5.53
C ASP A 272 15.57 -9.35 5.37
N ILE A 273 14.74 -8.36 5.67
CA ILE A 273 13.30 -8.53 5.64
C ILE A 273 12.67 -7.17 5.37
N PHE A 274 11.46 -7.15 4.83
CA PHE A 274 10.76 -5.87 4.62
C PHE A 274 9.78 -5.69 5.78
N GLY A 275 9.57 -4.45 6.19
CA GLY A 275 8.62 -4.15 7.23
C GLY A 275 8.14 -2.74 7.06
N GLY A 276 6.98 -2.46 7.66
CA GLY A 276 6.37 -1.13 7.58
C GLY A 276 6.97 -0.13 8.53
N THR A 277 7.40 1.00 7.97
CA THR A 277 7.98 2.09 8.71
C THR A 277 7.85 3.37 7.89
N PRO A 278 7.82 4.52 8.55
CA PRO A 278 7.81 5.77 7.79
C PRO A 278 9.05 5.89 6.90
N VAL A 279 8.81 6.27 5.67
CA VAL A 279 9.88 6.55 4.70
C VAL A 279 9.54 7.89 4.05
N VAL A 280 10.54 8.51 3.43
CA VAL A 280 10.35 9.73 2.66
C VAL A 280 10.39 9.33 1.18
N LEU A 281 9.34 9.66 0.44
CA LEU A 281 9.28 9.30 -0.99
C LEU A 281 9.44 10.55 -1.83
N GLY A 282 10.45 10.53 -2.69
CA GLY A 282 10.69 11.64 -3.62
C GLY A 282 11.20 11.10 -4.95
N ALA A 283 11.78 11.98 -5.74
CA ALA A 283 12.28 11.63 -7.08
C ALA A 283 13.31 10.48 -7.08
N ASN A 284 14.04 10.33 -5.98
CA ASN A 284 15.04 9.25 -5.88
C ASN A 284 14.47 7.99 -5.23
N GLY A 285 13.14 7.92 -5.16
CA GLY A 285 12.48 6.76 -4.58
C GLY A 285 12.39 6.86 -3.08
N VAL A 286 12.80 5.81 -2.39
CA VAL A 286 12.87 5.88 -0.93
C VAL A 286 14.13 6.68 -0.60
N GLU A 287 13.92 7.94 -0.25
CA GLU A 287 15.03 8.86 -0.01
C GLU A 287 15.57 8.75 1.41
N GLN A 288 14.72 8.33 2.33
CA GLN A 288 15.10 8.16 3.72
C GLN A 288 14.23 7.08 4.33
N VAL A 289 14.83 6.19 5.13
CA VAL A 289 14.07 5.26 5.93
C VAL A 289 14.12 5.83 7.35
N ILE A 290 12.96 6.14 7.92
CA ILE A 290 12.89 6.72 9.23
C ILE A 290 12.63 5.64 10.27
N GLU A 291 13.53 5.55 11.25
CA GLU A 291 13.39 4.56 12.30
C GLU A 291 12.80 5.22 13.54
N LEU A 292 11.57 4.84 13.88
CA LEU A 292 10.96 5.33 15.11
C LEU A 292 11.76 4.83 16.31
N GLN A 293 12.00 5.70 17.27
CA GLN A 293 12.70 5.36 18.51
C GLN A 293 11.72 4.71 19.47
N LEU A 294 11.29 3.52 19.08
CA LEU A 294 10.37 2.71 19.87
C LEU A 294 10.94 2.33 21.23
N ASN A 295 10.06 2.32 22.23
CA ASN A 295 10.44 1.82 23.55
C ASN A 295 10.41 0.29 23.51
N SER A 296 10.79 -0.33 24.63
CA SER A 296 10.94 -1.78 24.70
C SER A 296 9.63 -2.54 24.37
N GLU A 297 8.53 -2.03 24.91
CA GLU A 297 7.24 -2.68 24.74
C GLU A 297 6.75 -2.56 23.29
N GLU A 298 6.95 -1.39 22.69
CA GLU A 298 6.59 -1.16 21.28
C GLU A 298 7.43 -2.09 20.39
N LYS A 299 8.71 -2.21 20.70
CA LYS A 299 9.60 -3.10 19.95
C LYS A 299 9.17 -4.54 20.00
N ALA A 300 8.68 -4.98 21.14
CA ALA A 300 8.20 -6.35 21.28
C ALA A 300 7.03 -6.56 20.32
N LYS A 301 6.14 -5.57 20.21
CA LYS A 301 5.04 -5.66 19.27
C LYS A 301 5.56 -5.67 17.83
N PHE A 302 6.54 -4.84 17.54
CA PHE A 302 7.17 -4.80 16.22
C PHE A 302 7.71 -6.19 15.87
N ASP A 303 8.44 -6.78 16.81
CA ASP A 303 9.02 -8.11 16.60
C ASP A 303 7.97 -9.17 16.27
N GLU A 304 6.83 -9.10 16.95
CA GLU A 304 5.74 -10.03 16.69
C GLU A 304 5.22 -9.89 15.26
N ALA A 305 5.15 -8.66 14.77
CA ALA A 305 4.69 -8.41 13.41
C ALA A 305 5.68 -8.97 12.39
N ILE A 306 6.95 -8.67 12.57
CA ILE A 306 8.01 -9.14 11.67
C ILE A 306 8.06 -10.67 11.67
N ALA A 307 7.78 -11.28 12.82
CA ALA A 307 7.83 -12.73 12.94
C ALA A 307 6.82 -13.40 12.00
N GLU A 308 5.68 -12.75 11.80
CA GLU A 308 4.67 -13.28 10.88
C GLU A 308 5.14 -13.23 9.45
N THR A 309 5.75 -12.13 9.06
CA THR A 309 6.31 -12.00 7.72
C THR A 309 7.36 -13.07 7.49
N LYS A 310 8.24 -13.24 8.49
CA LYS A 310 9.34 -14.20 8.42
C LYS A 310 8.80 -15.64 8.31
N ARG A 311 7.78 -15.94 9.10
CA ARG A 311 7.14 -17.26 9.06
C ARG A 311 6.61 -17.60 7.65
N MET A 312 5.85 -16.69 7.04
CA MET A 312 5.33 -16.91 5.69
C MET A 312 6.43 -16.89 4.59
N LYS A 313 7.47 -16.08 4.77
CA LYS A 313 8.57 -16.06 3.84
C LYS A 313 9.17 -17.47 3.77
N ALA A 314 9.22 -18.14 4.90
CA ALA A 314 9.74 -19.51 4.98
C ALA A 314 8.78 -20.48 4.27
N LEU A 315 7.50 -20.17 4.29
CA LEU A 315 6.49 -20.98 3.62
C LEU A 315 6.45 -20.66 2.13
N ALA A 316 6.80 -19.43 1.75
CA ALA A 316 6.84 -19.08 0.32
C ALA A 316 8.04 -19.79 -0.30
PA NAD B . -8.97 -8.12 -7.92
O1A NAD B . -9.26 -9.58 -7.83
O2A NAD B . -10.14 -7.22 -8.24
O5B NAD B . -7.87 -7.83 -9.01
C5B NAD B . -6.68 -8.57 -9.14
C4B NAD B . -6.39 -8.76 -10.64
O4B NAD B . -5.17 -9.45 -10.82
C3B NAD B . -7.45 -9.60 -11.38
O3B NAD B . -8.07 -8.79 -12.35
C2B NAD B . -6.65 -10.75 -11.99
O2B NAD B . -7.12 -11.21 -13.24
C1B NAD B . -5.28 -10.13 -12.05
N9A NAD B . -4.15 -11.04 -12.26
C8A NAD B . -3.94 -12.35 -11.85
N7A NAD B . -2.72 -12.71 -12.31
C5A NAD B . -2.14 -11.68 -12.98
C6A NAD B . -0.92 -11.50 -13.64
N6A NAD B . -0.02 -12.47 -13.77
N1A NAD B . -0.65 -10.28 -14.22
C2A NAD B . -1.57 -9.26 -14.19
N3A NAD B . -2.77 -9.44 -13.54
C4A NAD B . -3.04 -10.63 -12.95
O3 NAD B . -8.32 -7.75 -6.49
PN NAD B . -8.02 -6.28 -5.87
O1N NAD B . -9.16 -5.88 -5.01
O2N NAD B . -7.60 -5.33 -6.91
O5D NAD B . -6.83 -6.71 -4.90
C5D NAD B . -5.57 -7.04 -5.45
C4D NAD B . -4.60 -7.56 -4.41
O4D NAD B . -4.31 -6.53 -3.48
C3D NAD B . -5.08 -8.75 -3.56
O3D NAD B . -4.03 -9.68 -3.35
C2D NAD B . -5.47 -8.14 -2.22
O2D NAD B . -5.35 -8.97 -1.10
C1D NAD B . -4.39 -7.10 -2.18
N1N NAD B . -4.64 -6.02 -1.25
C2N NAD B . -3.60 -5.45 -0.55
C3N NAD B . -3.75 -4.32 0.25
C7N NAD B . -2.54 -3.76 0.94
O7N NAD B . -2.81 -2.81 1.91
N7N NAD B . -1.27 -4.11 0.66
C4N NAD B . -4.96 -3.66 0.32
C5N NAD B . -6.03 -4.19 -0.41
C6N NAD B . -5.70 -5.27 -1.20
O9 OXQ C . -7.80 -2.99 2.81
C6 OXQ C . -7.05 -3.82 3.25
O8 OXQ C . -6.41 -3.72 4.28
C2 OXQ C . -7.02 -5.03 2.46
C1 OXQ C . -5.96 -6.03 2.29
O7 OXQ C . -4.79 -5.95 2.85
N3 OXQ C . -8.04 -5.43 1.75
O4 OXQ C . -7.69 -6.63 1.12
N5 OXQ C . -6.39 -6.97 1.47
C1 GOL D . 3.53 10.54 8.53
O1 GOL D . 3.60 11.59 7.59
C2 GOL D . 2.29 9.72 8.24
O2 GOL D . 1.16 10.57 8.27
C3 GOL D . 2.15 8.62 9.28
O3 GOL D . 1.04 7.83 8.97
#